data_1JEB
#
_entry.id   1JEB
#
_cell.length_a   84.921
_cell.length_b   84.921
_cell.length_c   104.523
_cell.angle_alpha   90.000
_cell.angle_beta   90.000
_cell.angle_gamma   90.000
#
_symmetry.space_group_name_H-M   'P 41'
#
loop_
_entity.id
_entity.type
_entity.pdbx_description
1 polymer 'HEMOGLOBIN ZETA CHAIN'
2 polymer 'HEMOGLOBIN BETA-SINGLE CHAIN'
3 non-polymer 'PROTOPORPHYRIN IX CONTAINING FE'
4 non-polymer 'CARBON MONOXIDE'
5 water water
#
loop_
_entity_poly.entity_id
_entity_poly.type
_entity_poly.pdbx_seq_one_letter_code
_entity_poly.pdbx_strand_id
1 'polypeptide(L)'
;(ACE)SLTKTERTIIVSMWAKISTQADTIGTETLERLFLSHPQTKTYFPHFDLHPGSAQLRAHGSKVVAAVGDAVKSIDD
IGGALSKLSELHAYILRVDPVNFKLLSHCLLVTLAARFPADFTAEAHAAWDKFLSVVSSVLTEKYR
;
A,C
2 'polypeptide(L)'
;VHLTDAEKAAVSGLWGKVNADEVGGEALGRLLVVYPWTQRYFDSFGDLSSASAIMGNAKVKAHGKKVITAFNDGLNHLDS
LKGTFASLSELHCDKLHVDPENFRLLGNMIVIVLGHHLGKDFTPAAQAAFQKVVAGVAAALAHKYH
;
B,D
#
loop_
_chem_comp.id
_chem_comp.type
_chem_comp.name
_chem_comp.formula
ACE non-polymer 'ACETYL GROUP' 'C2 H4 O'
CMO non-polymer 'CARBON MONOXIDE' 'C O'
HEM non-polymer 'PROTOPORPHYRIN IX CONTAINING FE' 'C34 H32 Fe N4 O4'
#
# COMPACT_ATOMS: atom_id res chain seq x y z
C ACE A 1 6.17 18.90 -3.66
O ACE A 1 6.70 18.33 -4.65
CH3 ACE A 1 7.37 19.77 -3.27
N SER A 2 4.96 18.79 -3.03
CA SER A 2 4.34 19.77 -2.09
C SER A 2 5.17 19.96 -0.83
N LEU A 3 6.29 20.66 -0.97
CA LEU A 3 7.18 20.93 0.16
C LEU A 3 7.16 22.40 0.51
N THR A 4 6.85 22.70 1.76
CA THR A 4 6.82 24.08 2.23
C THR A 4 8.25 24.60 2.22
N LYS A 5 8.42 25.89 2.42
CA LYS A 5 9.74 26.49 2.44
C LYS A 5 10.54 25.83 3.57
N THR A 6 9.92 25.75 4.75
CA THR A 6 10.59 25.16 5.90
C THR A 6 11.07 23.74 5.58
N GLU A 7 10.14 22.88 5.15
CA GLU A 7 10.49 21.51 4.83
C GLU A 7 11.66 21.45 3.85
N ARG A 8 11.67 22.37 2.90
CA ARG A 8 12.75 22.45 1.90
C ARG A 8 14.09 22.79 2.54
N THR A 9 14.09 23.71 3.51
CA THR A 9 15.33 24.10 4.17
C THR A 9 15.83 22.94 5.04
N ILE A 10 14.91 22.20 5.63
CA ILE A 10 15.25 21.06 6.46
C ILE A 10 15.94 19.99 5.62
N ILE A 11 15.54 19.88 4.36
CA ILE A 11 16.12 18.91 3.45
C ILE A 11 17.50 19.37 3.02
N VAL A 12 17.65 20.66 2.76
CA VAL A 12 18.93 21.22 2.37
C VAL A 12 19.92 21.14 3.54
N SER A 13 19.46 21.54 4.71
CA SER A 13 20.29 21.51 5.91
C SER A 13 20.77 20.10 6.20
N MET A 14 19.83 19.17 6.27
CA MET A 14 20.15 17.77 6.54
C MET A 14 21.05 17.20 5.44
N TRP A 15 20.87 17.64 4.21
CA TRP A 15 21.70 17.15 3.11
C TRP A 15 23.17 17.50 3.33
N ALA A 16 23.43 18.73 3.75
CA ALA A 16 24.79 19.19 3.98
C ALA A 16 25.53 18.18 4.86
N LYS A 17 24.87 17.72 5.91
CA LYS A 17 25.47 16.76 6.82
C LYS A 17 25.59 15.36 6.18
N ILE A 18 24.55 14.97 5.44
CA ILE A 18 24.56 13.65 4.80
C ILE A 18 25.70 13.51 3.80
N SER A 19 25.93 14.56 3.02
CA SER A 19 26.98 14.56 1.99
C SER A 19 28.40 14.32 2.52
N THR A 20 28.62 14.54 3.81
CA THR A 20 29.95 14.35 4.38
C THR A 20 30.15 12.93 4.89
N GLN A 21 29.06 12.16 4.90
CA GLN A 21 29.08 10.78 5.33
C GLN A 21 28.32 9.94 4.30
N ALA A 22 28.21 10.49 3.09
CA ALA A 22 27.50 9.86 1.97
C ALA A 22 27.79 8.37 1.78
N ASP A 23 29.06 8.02 1.64
CA ASP A 23 29.46 6.64 1.44
C ASP A 23 29.00 5.69 2.53
N THR A 24 29.19 6.08 3.81
CA THR A 24 28.76 5.21 4.89
C THR A 24 27.23 5.16 5.02
N ILE A 25 26.58 6.29 4.83
CA ILE A 25 25.11 6.35 4.92
C ILE A 25 24.50 5.50 3.81
N GLY A 26 25.14 5.50 2.65
CA GLY A 26 24.65 4.72 1.54
C GLY A 26 24.78 3.23 1.80
N THR A 27 25.96 2.83 2.30
CA THR A 27 26.20 1.41 2.58
C THR A 27 25.30 0.89 3.71
N GLU A 28 25.16 1.67 4.77
CA GLU A 28 24.31 1.25 5.89
C GLU A 28 22.85 1.10 5.45
N THR A 29 22.38 2.03 4.63
CA THR A 29 21.00 2.00 4.15
C THR A 29 20.74 0.71 3.39
N LEU A 30 21.65 0.34 2.49
CA LEU A 30 21.50 -0.87 1.71
C LEU A 30 21.56 -2.11 2.60
N GLU A 31 22.49 -2.14 3.55
CA GLU A 31 22.62 -3.28 4.46
C GLU A 31 21.32 -3.50 5.22
N ARG A 32 20.72 -2.41 5.69
CA ARG A 32 19.45 -2.50 6.42
C ARG A 32 18.36 -3.04 5.50
N LEU A 33 18.34 -2.56 4.27
CA LEU A 33 17.36 -2.98 3.28
C LEU A 33 17.45 -4.47 3.01
N PHE A 34 18.62 -4.92 2.58
CA PHE A 34 18.84 -6.33 2.26
C PHE A 34 18.56 -7.27 3.44
N LEU A 35 19.01 -6.90 4.63
CA LEU A 35 18.80 -7.74 5.81
C LEU A 35 17.34 -7.76 6.29
N SER A 36 16.71 -6.59 6.32
CA SER A 36 15.32 -6.50 6.79
C SER A 36 14.29 -6.89 5.73
N HIS A 37 14.66 -6.78 4.46
CA HIS A 37 13.73 -7.10 3.37
C HIS A 37 14.46 -7.90 2.29
N PRO A 38 14.84 -9.14 2.62
CA PRO A 38 15.56 -10.08 1.74
C PRO A 38 15.06 -10.14 0.30
N GLN A 39 13.78 -9.87 0.10
CA GLN A 39 13.22 -9.92 -1.25
C GLN A 39 14.00 -9.00 -2.19
N THR A 40 14.48 -7.87 -1.65
CA THR A 40 15.23 -6.89 -2.45
C THR A 40 16.56 -7.39 -3.00
N LYS A 41 17.12 -8.42 -2.40
CA LYS A 41 18.40 -8.97 -2.87
C LYS A 41 18.35 -9.53 -4.30
N THR A 42 17.18 -10.00 -4.72
CA THR A 42 17.03 -10.59 -6.06
C THR A 42 17.33 -9.64 -7.21
N TYR A 43 17.34 -8.34 -6.93
CA TYR A 43 17.63 -7.35 -7.95
C TYR A 43 19.14 -7.22 -8.18
N PHE A 44 19.93 -7.77 -7.28
CA PHE A 44 21.38 -7.71 -7.41
C PHE A 44 21.98 -9.12 -7.38
N PRO A 45 21.58 -10.00 -8.31
CA PRO A 45 22.13 -11.35 -8.30
C PRO A 45 23.62 -11.37 -8.64
N HIS A 46 24.04 -10.36 -9.41
CA HIS A 46 25.41 -10.20 -9.86
C HIS A 46 26.29 -9.49 -8.82
N PHE A 47 25.70 -9.13 -7.69
CA PHE A 47 26.40 -8.40 -6.65
C PHE A 47 26.94 -9.24 -5.51
N ASP A 48 28.02 -8.74 -4.92
CA ASP A 48 28.64 -9.36 -3.76
C ASP A 48 27.93 -8.58 -2.65
N LEU A 49 26.97 -9.21 -2.00
CA LEU A 49 26.20 -8.55 -0.96
C LEU A 49 26.65 -8.86 0.46
N HIS A 50 27.90 -9.35 0.58
CA HIS A 50 28.45 -9.68 1.89
C HIS A 50 29.09 -8.45 2.51
N PRO A 51 29.03 -8.34 3.84
CA PRO A 51 29.59 -7.21 4.59
C PRO A 51 30.86 -6.63 3.99
N GLY A 52 30.97 -5.31 4.05
CA GLY A 52 32.14 -4.63 3.53
C GLY A 52 32.34 -4.74 2.02
N SER A 53 31.44 -5.44 1.34
CA SER A 53 31.54 -5.62 -0.10
C SER A 53 31.90 -4.32 -0.82
N ALA A 54 32.74 -4.44 -1.84
CA ALA A 54 33.17 -3.28 -2.62
C ALA A 54 32.08 -2.81 -3.57
N GLN A 55 31.37 -3.77 -4.17
CA GLN A 55 30.28 -3.46 -5.10
C GLN A 55 29.17 -2.71 -4.38
N LEU A 56 28.77 -3.26 -3.24
CA LEU A 56 27.72 -2.68 -2.43
C LEU A 56 28.12 -1.27 -2.03
N ARG A 57 29.35 -1.12 -1.56
CA ARG A 57 29.87 0.18 -1.15
C ARG A 57 29.90 1.16 -2.31
N ALA A 58 30.37 0.71 -3.47
CA ALA A 58 30.41 1.60 -4.63
C ALA A 58 28.98 1.98 -5.02
N HIS A 59 28.07 1.01 -4.96
CA HIS A 59 26.68 1.23 -5.31
C HIS A 59 25.97 2.16 -4.33
N GLY A 60 26.20 1.93 -3.04
CA GLY A 60 25.57 2.76 -2.03
C GLY A 60 25.94 4.22 -2.20
N SER A 61 27.14 4.47 -2.70
CA SER A 61 27.61 5.82 -2.93
C SER A 61 26.84 6.48 -4.06
N LYS A 62 26.54 5.70 -5.10
CA LYS A 62 25.80 6.23 -6.25
C LYS A 62 24.37 6.59 -5.85
N VAL A 63 23.76 5.77 -5.00
CA VAL A 63 22.40 6.00 -4.54
C VAL A 63 22.27 7.32 -3.80
N VAL A 64 23.12 7.53 -2.79
CA VAL A 64 23.11 8.76 -2.02
C VAL A 64 23.41 9.95 -2.91
N ALA A 65 24.33 9.78 -3.85
CA ALA A 65 24.67 10.85 -4.78
C ALA A 65 23.40 11.22 -5.53
N ALA A 66 22.62 10.21 -5.90
CA ALA A 66 21.38 10.44 -6.63
C ALA A 66 20.42 11.24 -5.76
N VAL A 67 20.30 10.85 -4.49
CA VAL A 67 19.43 11.59 -3.58
C VAL A 67 19.91 13.03 -3.52
N GLY A 68 21.22 13.23 -3.65
CA GLY A 68 21.79 14.55 -3.62
C GLY A 68 21.36 15.39 -4.81
N ASP A 69 21.30 14.75 -5.98
CA ASP A 69 20.87 15.44 -7.20
C ASP A 69 19.43 15.89 -7.01
N ALA A 70 18.64 15.06 -6.34
CA ALA A 70 17.24 15.37 -6.09
C ALA A 70 17.16 16.58 -5.18
N VAL A 71 18.12 16.71 -4.28
CA VAL A 71 18.17 17.84 -3.36
C VAL A 71 18.52 19.10 -4.15
N LYS A 72 19.54 19.00 -5.00
CA LYS A 72 19.96 20.13 -5.81
C LYS A 72 18.85 20.59 -6.75
N SER A 73 18.05 19.64 -7.23
CA SER A 73 16.94 19.93 -8.14
C SER A 73 15.60 19.69 -7.46
N ILE A 74 15.52 20.06 -6.18
CA ILE A 74 14.30 19.84 -5.41
C ILE A 74 13.05 20.43 -6.07
N ASP A 75 13.24 21.39 -6.96
CA ASP A 75 12.12 22.02 -7.65
C ASP A 75 11.67 21.23 -8.89
N ASP A 76 12.52 20.34 -9.37
CA ASP A 76 12.17 19.51 -10.51
C ASP A 76 12.86 18.17 -10.39
N ILE A 77 12.45 17.41 -9.39
CA ILE A 77 13.04 16.10 -9.14
C ILE A 77 12.82 15.21 -10.36
N GLY A 78 11.67 15.37 -11.00
CA GLY A 78 11.36 14.57 -12.18
C GLY A 78 12.40 14.71 -13.27
N GLY A 79 12.79 15.95 -13.54
CA GLY A 79 13.78 16.19 -14.57
C GLY A 79 15.13 15.60 -14.18
N ALA A 80 15.55 15.87 -12.95
CA ALA A 80 16.82 15.38 -12.43
C ALA A 80 16.96 13.86 -12.47
N LEU A 81 15.94 13.15 -12.02
CA LEU A 81 15.99 11.69 -11.97
C LEU A 81 15.38 10.99 -13.19
N SER A 82 15.18 11.72 -14.27
CA SER A 82 14.61 11.15 -15.49
C SER A 82 15.31 9.85 -15.91
N LYS A 83 16.63 9.93 -16.14
CA LYS A 83 17.40 8.75 -16.56
C LYS A 83 17.22 7.57 -15.62
N LEU A 84 17.15 7.84 -14.31
CA LEU A 84 17.00 6.77 -13.34
C LEU A 84 15.61 6.13 -13.32
N SER A 85 14.56 6.91 -13.56
CA SER A 85 13.21 6.36 -13.55
C SER A 85 13.02 5.41 -14.72
N GLU A 86 13.66 5.73 -15.84
CA GLU A 86 13.58 4.87 -17.02
C GLU A 86 14.34 3.58 -16.72
N LEU A 87 15.52 3.70 -16.12
CA LEU A 87 16.31 2.51 -15.78
C LEU A 87 15.60 1.58 -14.81
N HIS A 88 15.05 2.14 -13.73
CA HIS A 88 14.36 1.32 -12.75
C HIS A 88 13.04 0.71 -13.21
N ALA A 89 12.38 1.35 -14.16
CA ALA A 89 11.10 0.81 -14.65
C ALA A 89 11.23 -0.05 -15.89
N TYR A 90 11.91 0.44 -16.92
CA TYR A 90 12.05 -0.32 -18.16
C TYR A 90 13.06 -1.46 -18.09
N ILE A 91 14.21 -1.19 -17.48
CA ILE A 91 15.26 -2.17 -17.41
C ILE A 91 15.24 -3.05 -16.16
N LEU A 92 15.20 -2.43 -14.99
CA LEU A 92 15.19 -3.19 -13.75
C LEU A 92 13.80 -3.65 -13.32
N ARG A 93 12.78 -2.94 -13.77
CA ARG A 93 11.40 -3.30 -13.43
C ARG A 93 11.22 -3.58 -11.93
N VAL A 94 11.76 -2.68 -11.10
CA VAL A 94 11.66 -2.82 -9.65
C VAL A 94 10.24 -2.59 -9.14
N ASP A 95 9.76 -3.50 -8.29
CA ASP A 95 8.42 -3.41 -7.71
C ASP A 95 8.34 -2.11 -6.88
N PRO A 96 7.35 -1.26 -7.17
CA PRO A 96 7.14 0.02 -6.47
C PRO A 96 7.23 -0.07 -4.94
N VAL A 97 6.75 -1.18 -4.39
CA VAL A 97 6.77 -1.32 -2.94
C VAL A 97 8.18 -1.23 -2.37
N ASN A 98 9.17 -1.62 -3.16
CA ASN A 98 10.55 -1.58 -2.71
C ASN A 98 11.10 -0.18 -2.43
N PHE A 99 10.64 0.82 -3.18
CA PHE A 99 11.12 2.19 -2.96
C PHE A 99 10.71 2.66 -1.58
N LYS A 100 9.53 2.26 -1.14
CA LYS A 100 9.06 2.63 0.18
C LYS A 100 9.96 1.95 1.23
N LEU A 101 10.38 0.73 0.94
CA LEU A 101 11.24 -0.01 1.86
C LEU A 101 12.62 0.65 1.97
N LEU A 102 13.17 1.07 0.82
CA LEU A 102 14.48 1.73 0.86
C LEU A 102 14.34 3.09 1.57
N SER A 103 13.23 3.78 1.34
CA SER A 103 13.02 5.08 1.99
C SER A 103 12.97 4.92 3.50
N HIS A 104 12.28 3.90 3.97
CA HIS A 104 12.17 3.62 5.39
C HIS A 104 13.58 3.37 5.97
N CYS A 105 14.35 2.55 5.29
CA CYS A 105 15.70 2.22 5.74
C CYS A 105 16.63 3.42 5.78
N LEU A 106 16.42 4.37 4.87
CA LEU A 106 17.24 5.57 4.83
C LEU A 106 16.85 6.41 6.03
N LEU A 107 15.55 6.52 6.29
CA LEU A 107 15.05 7.30 7.41
C LEU A 107 15.61 6.73 8.73
N VAL A 108 15.74 5.41 8.81
CA VAL A 108 16.27 4.78 10.01
C VAL A 108 17.73 5.20 10.14
N THR A 109 18.49 5.09 9.06
CA THR A 109 19.90 5.47 9.06
C THR A 109 20.06 6.94 9.50
N LEU A 110 19.20 7.81 9.00
CA LEU A 110 19.26 9.24 9.34
C LEU A 110 18.96 9.48 10.82
N ALA A 111 17.88 8.89 11.31
CA ALA A 111 17.49 9.07 12.69
C ALA A 111 18.59 8.59 13.65
N ALA A 112 19.25 7.49 13.30
CA ALA A 112 20.30 6.95 14.13
C ALA A 112 21.60 7.72 14.01
N ARG A 113 21.82 8.36 12.87
CA ARG A 113 23.05 9.11 12.64
C ARG A 113 23.00 10.59 13.01
N PHE A 114 21.81 11.21 12.91
CA PHE A 114 21.66 12.61 13.24
C PHE A 114 20.45 12.78 14.15
N PRO A 115 20.49 12.15 15.33
CA PRO A 115 19.39 12.22 16.30
C PRO A 115 18.93 13.64 16.66
N ALA A 116 19.87 14.56 16.81
CA ALA A 116 19.50 15.93 17.14
C ALA A 116 18.69 16.58 16.02
N ASP A 117 19.11 16.34 14.77
CA ASP A 117 18.43 16.93 13.62
C ASP A 117 17.14 16.20 13.20
N PHE A 118 17.03 14.92 13.52
CA PHE A 118 15.87 14.14 13.13
C PHE A 118 14.66 14.31 14.03
N THR A 119 14.06 15.49 13.99
CA THR A 119 12.87 15.77 14.80
C THR A 119 11.65 15.25 14.02
N ALA A 120 10.47 15.39 14.61
CA ALA A 120 9.25 14.94 13.94
C ALA A 120 9.13 15.69 12.62
N GLU A 121 9.26 17.02 12.67
CA GLU A 121 9.16 17.85 11.46
C GLU A 121 10.16 17.44 10.39
N ALA A 122 11.40 17.21 10.80
CA ALA A 122 12.44 16.81 9.87
C ALA A 122 12.02 15.51 9.22
N HIS A 123 11.51 14.60 10.06
CA HIS A 123 11.04 13.28 9.64
C HIS A 123 9.94 13.42 8.59
N ALA A 124 8.93 14.24 8.90
CA ALA A 124 7.81 14.48 7.99
C ALA A 124 8.31 15.07 6.68
N ALA A 125 9.27 15.99 6.78
CA ALA A 125 9.83 16.62 5.58
C ALA A 125 10.59 15.62 4.72
N TRP A 126 11.38 14.74 5.36
CA TRP A 126 12.14 13.75 4.61
C TRP A 126 11.24 12.66 4.03
N ASP A 127 10.22 12.25 4.77
CA ASP A 127 9.32 11.22 4.29
C ASP A 127 8.61 11.74 3.02
N LYS A 128 8.18 12.99 3.08
CA LYS A 128 7.51 13.64 1.96
C LYS A 128 8.47 13.73 0.79
N PHE A 129 9.72 14.15 1.06
CA PHE A 129 10.72 14.26 0.00
C PHE A 129 11.00 12.90 -0.64
N LEU A 130 11.22 11.88 0.18
CA LEU A 130 11.50 10.56 -0.35
C LEU A 130 10.28 9.98 -1.09
N SER A 131 9.09 10.41 -0.70
CA SER A 131 7.89 9.93 -1.39
C SER A 131 7.87 10.49 -2.80
N VAL A 132 8.34 11.72 -2.97
CA VAL A 132 8.37 12.34 -4.31
C VAL A 132 9.46 11.64 -5.14
N VAL A 133 10.61 11.38 -4.51
CA VAL A 133 11.70 10.70 -5.21
C VAL A 133 11.26 9.31 -5.66
N SER A 134 10.53 8.60 -4.80
CA SER A 134 10.05 7.26 -5.13
C SER A 134 8.98 7.30 -6.23
N SER A 135 8.12 8.31 -6.16
CA SER A 135 7.05 8.50 -7.14
C SER A 135 7.66 8.74 -8.51
N VAL A 136 8.67 9.60 -8.57
CA VAL A 136 9.34 9.89 -9.83
C VAL A 136 10.03 8.66 -10.42
N LEU A 137 10.63 7.84 -9.56
CA LEU A 137 11.32 6.64 -10.01
C LEU A 137 10.39 5.52 -10.47
N THR A 138 9.11 5.62 -10.15
CA THR A 138 8.17 4.60 -10.56
C THR A 138 7.14 5.16 -11.54
N GLU A 139 7.30 6.43 -11.92
CA GLU A 139 6.35 7.09 -12.81
C GLU A 139 6.15 6.37 -14.15
N LYS A 140 7.17 5.64 -14.60
CA LYS A 140 7.10 4.91 -15.87
C LYS A 140 6.10 3.75 -15.87
N TYR A 141 5.54 3.42 -14.71
CA TYR A 141 4.54 2.34 -14.60
C TYR A 141 3.15 2.96 -14.67
N ARG A 142 3.10 4.28 -14.73
CA ARG A 142 1.82 4.99 -14.77
C ARG A 142 1.76 5.95 -15.95
N VAL B 1 6.78 -15.99 12.25
CA VAL B 1 7.28 -15.11 13.36
C VAL B 1 8.40 -15.82 14.13
N HIS B 2 9.39 -16.32 13.41
CA HIS B 2 10.49 -17.01 14.05
C HIS B 2 11.67 -16.05 14.26
N LEU B 3 12.58 -16.42 15.14
CA LEU B 3 13.74 -15.58 15.44
C LEU B 3 14.94 -16.44 15.84
N THR B 4 16.07 -16.22 15.19
CA THR B 4 17.27 -16.97 15.55
C THR B 4 17.59 -16.54 16.98
N ASP B 5 18.11 -17.44 17.78
CA ASP B 5 18.46 -17.12 19.16
C ASP B 5 19.33 -15.87 19.16
N ALA B 6 20.29 -15.84 18.24
CA ALA B 6 21.19 -14.70 18.12
C ALA B 6 20.37 -13.41 18.03
N GLU B 7 19.27 -13.49 17.29
CA GLU B 7 18.35 -12.36 17.13
C GLU B 7 17.53 -12.18 18.39
N LYS B 8 17.00 -13.28 18.90
CA LYS B 8 16.18 -13.27 20.11
C LYS B 8 16.90 -12.45 21.18
N ALA B 9 18.23 -12.57 21.20
CA ALA B 9 19.05 -11.84 22.13
C ALA B 9 18.97 -10.34 21.85
N ALA B 10 19.39 -9.96 20.63
CA ALA B 10 19.38 -8.56 20.20
C ALA B 10 18.11 -7.85 20.64
N VAL B 11 16.96 -8.41 20.27
CA VAL B 11 15.68 -7.81 20.63
C VAL B 11 15.55 -7.70 22.15
N SER B 12 16.00 -8.75 22.84
CA SER B 12 15.93 -8.78 24.31
C SER B 12 16.83 -7.72 24.92
N GLY B 13 18.07 -7.65 24.44
CA GLY B 13 19.00 -6.67 24.97
C GLY B 13 18.61 -5.24 24.63
N LEU B 14 18.72 -4.90 23.35
CA LEU B 14 18.40 -3.55 22.86
C LEU B 14 17.08 -2.96 23.37
N TRP B 15 16.06 -3.80 23.54
CA TRP B 15 14.78 -3.30 24.03
C TRP B 15 14.93 -2.90 25.50
N GLY B 16 16.01 -3.36 26.12
CA GLY B 16 16.26 -3.03 27.50
C GLY B 16 16.97 -1.71 27.67
N LYS B 17 17.93 -1.44 26.79
CA LYS B 17 18.69 -0.20 26.85
C LYS B 17 17.84 1.04 26.55
N VAL B 18 16.61 0.83 26.08
CA VAL B 18 15.75 1.95 25.74
C VAL B 18 14.62 2.21 26.73
N ASN B 19 14.14 3.44 26.75
CA ASN B 19 13.03 3.84 27.63
C ASN B 19 11.74 3.57 26.85
N ALA B 20 11.15 2.41 27.09
CA ALA B 20 9.93 2.02 26.41
C ALA B 20 8.87 3.12 26.29
N ASP B 21 8.44 3.64 27.43
CA ASP B 21 7.41 4.68 27.43
C ASP B 21 7.67 5.85 26.50
N GLU B 22 8.91 6.29 26.38
CA GLU B 22 9.24 7.42 25.50
C GLU B 22 9.07 6.99 24.05
N VAL B 23 9.50 5.77 23.74
CA VAL B 23 9.39 5.21 22.41
C VAL B 23 7.94 5.27 21.92
N GLY B 24 7.05 4.68 22.71
CA GLY B 24 5.63 4.67 22.34
C GLY B 24 5.04 6.05 22.10
N GLY B 25 5.33 6.99 22.99
CA GLY B 25 4.80 8.34 22.82
C GLY B 25 5.37 9.04 21.59
N GLU B 26 6.66 8.82 21.31
CA GLU B 26 7.33 9.43 20.18
C GLU B 26 6.96 8.74 18.87
N ALA B 27 6.71 7.44 18.96
CA ALA B 27 6.33 6.67 17.78
C ALA B 27 4.92 7.11 17.36
N LEU B 28 4.02 7.23 18.33
CA LEU B 28 2.65 7.65 18.05
C LEU B 28 2.65 9.06 17.48
N GLY B 29 3.40 9.95 18.11
CA GLY B 29 3.47 11.33 17.67
C GLY B 29 3.95 11.43 16.23
N ARG B 30 5.02 10.70 15.91
CA ARG B 30 5.54 10.71 14.56
C ARG B 30 4.48 10.22 13.58
N LEU B 31 3.70 9.24 14.01
CA LEU B 31 2.63 8.69 13.19
C LEU B 31 1.64 9.79 12.83
N LEU B 32 1.21 10.54 13.83
CA LEU B 32 0.24 11.61 13.64
C LEU B 32 0.79 12.77 12.82
N VAL B 33 2.09 13.01 12.93
CA VAL B 33 2.70 14.11 12.20
C VAL B 33 3.00 13.74 10.74
N VAL B 34 3.66 12.60 10.56
CA VAL B 34 4.03 12.13 9.23
C VAL B 34 2.84 11.70 8.37
N TYR B 35 1.78 11.24 9.03
CA TYR B 35 0.57 10.80 8.32
C TYR B 35 -0.63 11.51 8.95
N PRO B 36 -0.77 12.82 8.69
CA PRO B 36 -1.85 13.65 9.23
C PRO B 36 -3.27 13.10 9.27
N TRP B 37 -3.61 12.18 8.40
CA TRP B 37 -4.96 11.61 8.39
C TRP B 37 -5.20 10.68 9.58
N THR B 38 -4.14 10.10 10.12
CA THR B 38 -4.31 9.21 11.28
C THR B 38 -4.81 10.01 12.48
N GLN B 39 -4.78 11.32 12.37
CA GLN B 39 -5.24 12.19 13.45
C GLN B 39 -6.75 12.09 13.63
N ARG B 40 -7.42 11.70 12.55
CA ARG B 40 -8.87 11.55 12.56
C ARG B 40 -9.42 10.71 13.70
N TYR B 41 -8.62 9.78 14.22
CA TYR B 41 -9.06 8.93 15.30
C TYR B 41 -8.70 9.49 16.67
N PHE B 42 -8.24 10.74 16.72
CA PHE B 42 -7.84 11.34 17.98
C PHE B 42 -8.30 12.78 18.19
N ASP B 43 -9.56 13.07 17.88
CA ASP B 43 -10.07 14.42 18.07
C ASP B 43 -10.06 14.75 19.57
N SER B 44 -10.24 13.72 20.38
CA SER B 44 -10.28 13.85 21.84
C SER B 44 -9.00 14.42 22.45
N PHE B 45 -7.85 13.90 22.02
CA PHE B 45 -6.56 14.32 22.54
C PHE B 45 -6.30 15.82 22.54
N GLY B 46 -7.18 16.59 21.91
CA GLY B 46 -7.02 18.02 21.88
C GLY B 46 -6.27 18.62 20.70
N ASP B 47 -5.33 19.50 21.01
CA ASP B 47 -4.54 20.20 19.99
C ASP B 47 -3.45 19.36 19.33
N LEU B 48 -3.68 19.05 18.05
CA LEU B 48 -2.75 18.28 17.23
C LEU B 48 -2.49 19.10 15.97
N SER B 49 -2.62 20.41 16.12
CA SER B 49 -2.44 21.36 15.02
C SER B 49 -1.05 21.47 14.43
N SER B 50 -0.04 20.96 15.14
CA SER B 50 1.33 21.03 14.64
C SER B 50 2.22 19.95 15.25
N ALA B 51 3.40 19.76 14.63
CA ALA B 51 4.35 18.77 15.07
C ALA B 51 4.78 18.96 16.52
N SER B 52 5.40 20.10 16.82
CA SER B 52 5.86 20.38 18.18
C SER B 52 4.70 20.19 19.13
N ALA B 53 3.52 20.68 18.74
CA ALA B 53 2.34 20.55 19.58
C ALA B 53 2.02 19.07 19.78
N ILE B 54 1.99 18.32 18.69
CA ILE B 54 1.69 16.88 18.74
C ILE B 54 2.70 16.14 19.61
N MET B 55 3.99 16.42 19.39
CA MET B 55 5.03 15.75 20.16
C MET B 55 5.02 16.14 21.64
N GLY B 56 4.33 17.23 21.95
CA GLY B 56 4.27 17.70 23.33
C GLY B 56 2.90 17.50 23.95
N ASN B 57 1.99 16.87 23.21
CA ASN B 57 0.63 16.62 23.69
C ASN B 57 0.63 15.51 24.75
N ALA B 58 0.18 15.86 25.95
CA ALA B 58 0.12 14.92 27.07
C ALA B 58 -0.69 13.66 26.79
N LYS B 59 -1.88 13.84 26.23
CA LYS B 59 -2.75 12.71 25.92
C LYS B 59 -2.11 11.79 24.88
N VAL B 60 -1.29 12.34 24.00
CA VAL B 60 -0.62 11.55 22.97
C VAL B 60 0.48 10.69 23.59
N LYS B 61 1.27 11.28 24.48
CA LYS B 61 2.36 10.57 25.15
C LYS B 61 1.79 9.49 26.06
N ALA B 62 0.69 9.82 26.73
CA ALA B 62 0.03 8.90 27.65
C ALA B 62 -0.48 7.65 26.92
N HIS B 63 -1.05 7.85 25.73
CA HIS B 63 -1.58 6.72 24.96
C HIS B 63 -0.43 5.87 24.42
N GLY B 64 0.67 6.52 24.09
CA GLY B 64 1.82 5.79 23.58
C GLY B 64 2.27 4.77 24.59
N LYS B 65 2.09 5.12 25.86
CA LYS B 65 2.46 4.24 26.97
C LYS B 65 1.71 2.92 26.85
N LYS B 66 0.40 3.01 26.60
CA LYS B 66 -0.43 1.83 26.48
C LYS B 66 -0.10 1.03 25.22
N VAL B 67 0.20 1.76 24.14
CA VAL B 67 0.54 1.13 22.87
C VAL B 67 1.87 0.39 23.00
N ILE B 68 2.82 1.03 23.69
CA ILE B 68 4.13 0.43 23.87
C ILE B 68 4.07 -0.71 24.88
N THR B 69 3.10 -0.63 25.79
CA THR B 69 2.92 -1.66 26.80
C THR B 69 2.41 -2.90 26.08
N ALA B 70 1.38 -2.71 25.26
CA ALA B 70 0.80 -3.82 24.50
C ALA B 70 1.89 -4.40 23.60
N PHE B 71 2.62 -3.51 22.92
CA PHE B 71 3.70 -3.95 22.05
C PHE B 71 4.66 -4.83 22.83
N ASN B 72 4.93 -4.42 24.07
CA ASN B 72 5.84 -5.15 24.94
C ASN B 72 5.29 -6.54 25.27
N ASP B 73 3.99 -6.62 25.46
CA ASP B 73 3.35 -7.91 25.75
C ASP B 73 3.58 -8.85 24.59
N GLY B 74 3.26 -8.38 23.39
CA GLY B 74 3.45 -9.20 22.20
C GLY B 74 4.92 -9.52 22.03
N LEU B 75 5.77 -8.72 22.65
CA LEU B 75 7.21 -8.91 22.58
C LEU B 75 7.65 -10.05 23.49
N ASN B 76 6.84 -10.34 24.51
CA ASN B 76 7.14 -11.45 25.43
C ASN B 76 6.48 -12.72 24.93
N HIS B 77 5.66 -12.59 23.89
CA HIS B 77 4.93 -13.72 23.33
C HIS B 77 5.00 -13.71 21.79
N LEU B 78 6.21 -13.65 21.25
CA LEU B 78 6.41 -13.63 19.81
C LEU B 78 5.97 -14.92 19.12
N ASP B 79 5.42 -15.86 19.89
CA ASP B 79 4.97 -17.12 19.34
C ASP B 79 3.45 -17.24 19.30
N SER B 80 2.78 -16.35 20.02
CA SER B 80 1.33 -16.36 20.06
C SER B 80 0.72 -14.98 19.85
N LEU B 81 1.27 -14.23 18.90
CA LEU B 81 0.76 -12.89 18.62
C LEU B 81 -0.73 -12.96 18.28
N LYS B 82 -1.12 -14.08 17.67
CA LYS B 82 -2.51 -14.32 17.27
C LYS B 82 -3.52 -13.95 18.36
N GLY B 83 -3.46 -14.67 19.47
CA GLY B 83 -4.39 -14.41 20.57
C GLY B 83 -4.02 -13.21 21.42
N THR B 84 -2.73 -12.96 21.55
CA THR B 84 -2.25 -11.83 22.35
C THR B 84 -2.92 -10.53 21.93
N PHE B 85 -2.98 -10.30 20.62
CA PHE B 85 -3.58 -9.09 20.10
C PHE B 85 -5.01 -9.24 19.59
N ALA B 86 -5.51 -10.47 19.60
CA ALA B 86 -6.87 -10.76 19.13
C ALA B 86 -7.89 -9.77 19.68
N SER B 87 -7.84 -9.52 20.98
CA SER B 87 -8.77 -8.58 21.62
C SER B 87 -8.67 -7.20 20.99
N LEU B 88 -7.43 -6.73 20.84
CA LEU B 88 -7.19 -5.41 20.26
C LEU B 88 -7.66 -5.37 18.81
N SER B 89 -7.35 -6.42 18.06
CA SER B 89 -7.71 -6.49 16.65
C SER B 89 -9.16 -6.12 16.40
N GLU B 90 -10.09 -6.82 17.05
CA GLU B 90 -11.50 -6.53 16.87
C GLU B 90 -11.86 -5.14 17.34
N LEU B 91 -11.06 -4.61 18.27
CA LEU B 91 -11.29 -3.27 18.79
C LEU B 91 -10.90 -2.23 17.73
N HIS B 92 -9.77 -2.46 17.07
CA HIS B 92 -9.28 -1.57 16.03
C HIS B 92 -10.04 -1.77 14.72
N CYS B 93 -10.59 -2.97 14.55
CA CYS B 93 -11.32 -3.31 13.34
C CYS B 93 -12.80 -2.95 13.42
N ASP B 94 -13.56 -3.69 14.22
CA ASP B 94 -15.00 -3.48 14.36
C ASP B 94 -15.47 -2.24 15.11
N LYS B 95 -14.65 -1.71 16.02
CA LYS B 95 -15.06 -0.54 16.80
C LYS B 95 -14.41 0.80 16.46
N LEU B 96 -13.11 0.77 16.14
CA LEU B 96 -12.39 1.99 15.80
C LEU B 96 -12.33 2.20 14.29
N HIS B 97 -12.55 1.13 13.54
CA HIS B 97 -12.55 1.21 12.08
C HIS B 97 -11.25 1.80 11.51
N VAL B 98 -10.13 1.22 11.93
CA VAL B 98 -8.83 1.68 11.46
C VAL B 98 -8.35 0.74 10.35
N ASP B 99 -8.05 1.30 9.19
CA ASP B 99 -7.57 0.50 8.06
C ASP B 99 -6.28 -0.20 8.52
N PRO B 100 -6.22 -1.55 8.38
CA PRO B 100 -5.05 -2.32 8.79
C PRO B 100 -3.70 -1.85 8.26
N GLU B 101 -3.71 -1.09 7.17
CA GLU B 101 -2.46 -0.58 6.61
C GLU B 101 -1.77 0.32 7.62
N ASN B 102 -2.56 1.01 8.43
CA ASN B 102 -2.01 1.92 9.42
C ASN B 102 -1.18 1.25 10.52
N PHE B 103 -1.56 0.03 10.91
CA PHE B 103 -0.82 -0.71 11.93
C PHE B 103 0.62 -0.82 11.46
N ARG B 104 0.79 -1.13 10.17
CA ARG B 104 2.11 -1.27 9.58
C ARG B 104 2.90 0.03 9.67
N LEU B 105 2.20 1.16 9.57
CA LEU B 105 2.86 2.47 9.65
C LEU B 105 3.42 2.71 11.05
N LEU B 106 2.60 2.51 12.06
CA LEU B 106 3.04 2.71 13.44
C LEU B 106 4.23 1.80 13.74
N GLY B 107 4.21 0.61 13.16
CA GLY B 107 5.32 -0.32 13.36
C GLY B 107 6.59 0.27 12.80
N ASN B 108 6.47 0.99 11.69
CA ASN B 108 7.63 1.63 11.07
C ASN B 108 8.08 2.80 11.96
N MET B 109 7.12 3.49 12.56
CA MET B 109 7.44 4.61 13.44
C MET B 109 8.25 4.09 14.63
N ILE B 110 7.82 2.96 15.17
CA ILE B 110 8.50 2.34 16.31
C ILE B 110 9.93 1.99 15.92
N VAL B 111 10.10 1.38 14.75
CA VAL B 111 11.43 1.00 14.28
C VAL B 111 12.34 2.22 14.16
N ILE B 112 11.81 3.29 13.57
CA ILE B 112 12.56 4.52 13.38
C ILE B 112 12.97 5.12 14.74
N VAL B 113 12.03 5.17 15.67
CA VAL B 113 12.34 5.72 16.99
C VAL B 113 13.46 4.92 17.66
N LEU B 114 13.37 3.60 17.62
CA LEU B 114 14.40 2.74 18.23
C LEU B 114 15.77 3.10 17.64
N GLY B 115 15.81 3.38 16.34
CA GLY B 115 17.07 3.74 15.72
C GLY B 115 17.46 5.13 16.19
N HIS B 116 16.46 5.93 16.53
CA HIS B 116 16.66 7.30 16.99
C HIS B 116 17.26 7.32 18.40
N HIS B 117 16.91 6.33 19.21
CA HIS B 117 17.42 6.25 20.58
C HIS B 117 18.71 5.44 20.72
N LEU B 118 18.72 4.25 20.12
CA LEU B 118 19.88 3.37 20.21
C LEU B 118 21.04 3.72 19.30
N GLY B 119 20.81 4.63 18.35
CA GLY B 119 21.87 5.01 17.44
C GLY B 119 22.62 3.82 16.87
N LYS B 120 23.94 3.91 16.83
CA LYS B 120 24.81 2.85 16.31
C LYS B 120 24.49 1.45 16.81
N ASP B 121 23.85 1.34 17.97
CA ASP B 121 23.52 0.02 18.50
C ASP B 121 22.38 -0.61 17.70
N PHE B 122 21.54 0.23 17.11
CA PHE B 122 20.42 -0.26 16.31
C PHE B 122 21.01 -0.55 14.93
N THR B 123 21.76 -1.63 14.84
CA THR B 123 22.43 -2.04 13.60
C THR B 123 21.46 -2.66 12.60
N PRO B 124 21.94 -2.91 11.38
CA PRO B 124 21.12 -3.52 10.34
C PRO B 124 20.49 -4.82 10.85
N ALA B 125 21.35 -5.75 11.25
CA ALA B 125 20.92 -7.05 11.78
C ALA B 125 19.89 -6.86 12.89
N ALA B 126 20.12 -5.87 13.74
CA ALA B 126 19.20 -5.59 14.85
C ALA B 126 17.86 -5.13 14.34
N GLN B 127 17.89 -4.26 13.32
CA GLN B 127 16.65 -3.73 12.73
C GLN B 127 15.82 -4.86 12.12
N ALA B 128 16.49 -5.73 11.39
CA ALA B 128 15.84 -6.86 10.74
C ALA B 128 15.04 -7.64 11.79
N ALA B 129 15.67 -7.89 12.93
CA ALA B 129 15.03 -8.63 14.01
C ALA B 129 13.76 -7.90 14.42
N PHE B 130 13.91 -6.63 14.78
CA PHE B 130 12.76 -5.82 15.19
C PHE B 130 11.70 -5.66 14.09
N GLN B 131 12.13 -5.66 12.83
CA GLN B 131 11.19 -5.52 11.72
C GLN B 131 10.30 -6.76 11.70
N LYS B 132 10.94 -7.93 11.84
CA LYS B 132 10.21 -9.18 11.85
C LYS B 132 9.19 -9.14 13.00
N VAL B 133 9.61 -8.58 14.13
CA VAL B 133 8.74 -8.46 15.29
C VAL B 133 7.57 -7.54 14.95
N VAL B 134 7.93 -6.35 14.47
CA VAL B 134 6.95 -5.34 14.07
C VAL B 134 5.99 -5.89 13.02
N ALA B 135 6.55 -6.56 12.02
CA ALA B 135 5.74 -7.14 10.96
C ALA B 135 4.76 -8.14 11.58
N GLY B 136 5.26 -8.93 12.53
CA GLY B 136 4.42 -9.91 13.19
C GLY B 136 3.29 -9.27 13.96
N VAL B 137 3.60 -8.22 14.73
CA VAL B 137 2.61 -7.52 15.53
C VAL B 137 1.50 -6.91 14.68
N ALA B 138 1.87 -6.29 13.57
CA ALA B 138 0.89 -5.68 12.68
C ALA B 138 0.02 -6.78 12.05
N ALA B 139 0.68 -7.86 11.65
CA ALA B 139 -0.04 -8.98 11.05
C ALA B 139 -1.13 -9.47 12.01
N ALA B 140 -0.75 -9.69 13.26
CA ALA B 140 -1.70 -10.16 14.27
C ALA B 140 -2.87 -9.18 14.45
N LEU B 141 -2.56 -7.90 14.53
CA LEU B 141 -3.57 -6.87 14.69
C LEU B 141 -4.61 -6.83 13.57
N ALA B 142 -4.14 -7.03 12.34
CA ALA B 142 -5.03 -7.02 11.18
C ALA B 142 -5.77 -8.35 11.06
N HIS B 143 -5.01 -9.43 11.14
CA HIS B 143 -5.55 -10.80 11.04
C HIS B 143 -6.94 -10.93 11.65
C ACE C 1 -1.02 14.53 -19.75
O ACE C 1 -0.39 13.75 -20.52
CH3 ACE C 1 -0.55 15.86 -20.38
N SER C 2 -1.89 14.35 -18.73
CA SER C 2 -1.90 13.29 -17.68
C SER C 2 -2.11 11.93 -18.34
N LEU C 3 -2.93 11.90 -19.37
CA LEU C 3 -3.21 10.66 -20.11
C LEU C 3 -2.80 10.80 -21.58
N THR C 4 -2.45 9.68 -22.21
CA THR C 4 -2.06 9.70 -23.61
C THR C 4 -3.32 9.74 -24.46
N LYS C 5 -3.15 9.96 -25.76
CA LYS C 5 -4.31 10.02 -26.64
C LYS C 5 -5.19 8.76 -26.63
N THR C 6 -4.56 7.58 -26.67
CA THR C 6 -5.34 6.34 -26.67
C THR C 6 -6.12 6.16 -25.38
N GLU C 7 -5.53 6.55 -24.26
CA GLU C 7 -6.19 6.44 -22.97
C GLU C 7 -7.33 7.46 -22.93
N ARG C 8 -7.03 8.68 -23.35
CA ARG C 8 -8.00 9.77 -23.38
C ARG C 8 -9.22 9.35 -24.21
N THR C 9 -8.97 8.78 -25.39
CA THR C 9 -10.05 8.34 -26.27
C THR C 9 -10.96 7.34 -25.58
N ILE C 10 -10.36 6.38 -24.88
CA ILE C 10 -11.12 5.36 -24.16
C ILE C 10 -11.93 5.96 -23.00
N ILE C 11 -11.32 6.88 -22.25
CA ILE C 11 -12.01 7.52 -21.12
C ILE C 11 -13.25 8.26 -21.62
N VAL C 12 -13.10 9.03 -22.69
CA VAL C 12 -14.20 9.80 -23.26
C VAL C 12 -15.34 8.93 -23.82
N SER C 13 -15.00 7.89 -24.58
CA SER C 13 -16.06 7.04 -25.13
C SER C 13 -16.78 6.28 -24.03
N MET C 14 -16.04 5.80 -23.04
CA MET C 14 -16.66 5.10 -21.93
C MET C 14 -17.53 6.09 -21.14
N TRP C 15 -17.05 7.33 -21.00
CA TRP C 15 -17.83 8.33 -20.27
C TRP C 15 -19.15 8.64 -20.96
N ALA C 16 -19.16 8.56 -22.29
CA ALA C 16 -20.37 8.80 -23.06
C ALA C 16 -21.44 7.85 -22.58
N LYS C 17 -21.04 6.62 -22.26
CA LYS C 17 -22.00 5.62 -21.80
C LYS C 17 -22.37 5.80 -20.35
N ILE C 18 -21.37 6.10 -19.53
CA ILE C 18 -21.59 6.32 -18.10
C ILE C 18 -22.57 7.48 -17.89
N SER C 19 -22.42 8.54 -18.68
CA SER C 19 -23.27 9.73 -18.57
C SER C 19 -24.76 9.43 -18.57
N THR C 20 -25.19 8.52 -19.43
CA THR C 20 -26.61 8.17 -19.49
C THR C 20 -27.08 7.33 -18.32
N GLN C 21 -26.13 6.83 -17.52
CA GLN C 21 -26.47 6.01 -16.35
C GLN C 21 -25.70 6.49 -15.13
N ALA C 22 -25.17 7.71 -15.22
CA ALA C 22 -24.37 8.30 -14.15
C ALA C 22 -24.89 8.08 -12.74
N ASP C 23 -26.16 8.39 -12.50
CA ASP C 23 -26.75 8.24 -11.18
C ASP C 23 -26.72 6.82 -10.64
N THR C 24 -27.12 5.84 -11.45
CA THR C 24 -27.12 4.46 -10.99
C THR C 24 -25.69 3.92 -10.80
N ILE C 25 -24.76 4.37 -11.64
CA ILE C 25 -23.38 3.94 -11.53
C ILE C 25 -22.78 4.50 -10.24
N GLY C 26 -23.06 5.77 -9.98
CA GLY C 26 -22.55 6.41 -8.79
C GLY C 26 -23.06 5.73 -7.52
N THR C 27 -24.35 5.41 -7.52
CA THR C 27 -24.97 4.77 -6.38
C THR C 27 -24.46 3.34 -6.23
N GLU C 28 -24.35 2.61 -7.34
CA GLU C 28 -23.86 1.23 -7.27
C GLU C 28 -22.43 1.19 -6.75
N THR C 29 -21.62 2.15 -7.17
CA THR C 29 -20.23 2.19 -6.72
C THR C 29 -20.11 2.36 -5.21
N LEU C 30 -20.87 3.29 -4.64
CA LEU C 30 -20.84 3.55 -3.19
C LEU C 30 -21.36 2.36 -2.39
N GLU C 31 -22.41 1.73 -2.89
CA GLU C 31 -22.95 0.57 -2.19
C GLU C 31 -21.97 -0.61 -2.23
N ARG C 32 -21.24 -0.76 -3.33
CA ARG C 32 -20.26 -1.84 -3.41
C ARG C 32 -19.16 -1.54 -2.39
N LEU C 33 -18.81 -0.26 -2.28
CA LEU C 33 -17.76 0.19 -1.37
C LEU C 33 -18.12 0.03 0.10
N PHE C 34 -19.32 0.45 0.47
CA PHE C 34 -19.76 0.35 1.87
C PHE C 34 -19.89 -1.10 2.32
N LEU C 35 -20.34 -1.98 1.43
CA LEU C 35 -20.48 -3.39 1.80
C LEU C 35 -19.19 -4.18 1.79
N SER C 36 -18.29 -3.92 0.84
CA SER C 36 -17.02 -4.65 0.78
C SER C 36 -15.97 -4.05 1.71
N HIS C 37 -16.11 -2.77 2.02
CA HIS C 37 -15.16 -2.09 2.89
C HIS C 37 -15.92 -1.19 3.85
N PRO C 38 -16.69 -1.78 4.78
CA PRO C 38 -17.50 -1.08 5.78
C PRO C 38 -16.78 0.04 6.54
N GLN C 39 -15.46 -0.08 6.67
CA GLN C 39 -14.66 0.93 7.35
C GLN C 39 -14.95 2.31 6.76
N THR C 40 -15.19 2.33 5.45
CA THR C 40 -15.48 3.58 4.75
C THR C 40 -16.77 4.26 5.20
N LYS C 41 -17.68 3.50 5.79
CA LYS C 41 -18.94 4.07 6.25
C LYS C 41 -18.75 5.13 7.34
N THR C 42 -17.67 5.03 8.11
CA THR C 42 -17.40 5.98 9.19
C THR C 42 -17.34 7.44 8.75
N TYR C 43 -17.11 7.67 7.46
CA TYR C 43 -17.02 9.02 6.93
C TYR C 43 -18.40 9.61 6.63
N PHE C 44 -19.43 8.78 6.69
CA PHE C 44 -20.79 9.24 6.43
C PHE C 44 -21.75 8.92 7.59
N PRO C 45 -21.38 9.30 8.81
CA PRO C 45 -22.25 9.02 9.96
C PRO C 45 -23.60 9.74 9.84
N HIS C 46 -23.59 10.86 9.13
CA HIS C 46 -24.78 11.69 8.92
C HIS C 46 -25.64 11.17 7.75
N PHE C 47 -25.24 10.04 7.18
CA PHE C 47 -25.96 9.49 6.04
C PHE C 47 -26.90 8.34 6.36
N ASP C 48 -27.97 8.29 5.60
CA ASP C 48 -28.92 7.19 5.70
C ASP C 48 -28.36 6.28 4.61
N LEU C 49 -27.55 5.31 5.03
CA LEU C 49 -26.91 4.39 4.10
C LEU C 49 -27.75 3.19 3.66
N HIS C 50 -29.08 3.33 3.65
CA HIS C 50 -29.92 2.22 3.22
C HIS C 50 -30.12 2.36 1.71
N PRO C 51 -30.20 1.22 0.99
CA PRO C 51 -30.39 1.27 -0.46
C PRO C 51 -31.58 2.10 -0.92
N GLY C 52 -31.42 2.76 -2.07
CA GLY C 52 -32.49 3.57 -2.61
C GLY C 52 -32.57 4.91 -1.91
N SER C 53 -31.66 5.13 -0.95
CA SER C 53 -31.62 6.38 -0.20
C SER C 53 -31.48 7.56 -1.16
N ALA C 54 -32.28 8.60 -0.95
CA ALA C 54 -32.22 9.77 -1.80
C ALA C 54 -30.92 10.52 -1.49
N GLN C 55 -30.48 10.37 -0.25
CA GLN C 55 -29.25 11.01 0.23
C GLN C 55 -28.03 10.35 -0.41
N LEU C 56 -28.03 9.01 -0.40
CA LEU C 56 -26.95 8.22 -0.95
C LEU C 56 -26.91 8.35 -2.48
N ARG C 57 -28.07 8.28 -3.11
CA ARG C 57 -28.13 8.40 -4.56
C ARG C 57 -27.66 9.77 -5.01
N ALA C 58 -28.04 10.80 -4.27
CA ALA C 58 -27.64 12.17 -4.59
C ALA C 58 -26.13 12.31 -4.49
N HIS C 59 -25.54 11.68 -3.48
CA HIS C 59 -24.10 11.75 -3.31
C HIS C 59 -23.39 10.99 -4.42
N GLY C 60 -23.98 9.87 -4.85
CA GLY C 60 -23.41 9.08 -5.93
C GLY C 60 -23.36 9.87 -7.22
N SER C 61 -24.40 10.67 -7.45
CA SER C 61 -24.50 11.50 -8.65
C SER C 61 -23.42 12.56 -8.65
N LYS C 62 -23.09 13.06 -7.47
CA LYS C 62 -22.08 14.10 -7.35
C LYS C 62 -20.67 13.53 -7.59
N VAL C 63 -20.41 12.33 -7.08
CA VAL C 63 -19.10 11.71 -7.29
C VAL C 63 -18.87 11.48 -8.78
N VAL C 64 -19.82 10.84 -9.44
CA VAL C 64 -19.70 10.57 -10.86
C VAL C 64 -19.67 11.86 -11.67
N ALA C 65 -20.42 12.86 -11.21
CA ALA C 65 -20.43 14.16 -11.89
C ALA C 65 -19.00 14.71 -11.84
N ALA C 66 -18.36 14.60 -10.68
CA ALA C 66 -16.99 15.08 -10.51
C ALA C 66 -16.03 14.31 -11.43
N VAL C 67 -16.23 13.00 -11.55
CA VAL C 67 -15.37 12.20 -12.43
C VAL C 67 -15.56 12.72 -13.85
N GLY C 68 -16.81 13.00 -14.21
CA GLY C 68 -17.12 13.51 -15.54
C GLY C 68 -16.44 14.84 -15.80
N ASP C 69 -16.44 15.72 -14.80
CA ASP C 69 -15.80 17.01 -14.94
C ASP C 69 -14.31 16.81 -15.24
N ALA C 70 -13.71 15.77 -14.68
CA ALA C 70 -12.30 15.49 -14.91
C ALA C 70 -12.13 14.97 -16.33
N VAL C 71 -13.13 14.25 -16.82
CA VAL C 71 -13.10 13.72 -18.17
C VAL C 71 -13.19 14.88 -19.17
N LYS C 72 -14.13 15.79 -18.92
CA LYS C 72 -14.36 16.95 -19.79
C LYS C 72 -13.10 17.79 -20.00
N SER C 73 -12.38 18.06 -18.91
CA SER C 73 -11.15 18.84 -19.00
C SER C 73 -10.02 17.91 -18.56
N ILE C 74 -9.76 16.91 -19.39
CA ILE C 74 -8.74 15.91 -19.12
C ILE C 74 -7.31 16.43 -19.27
N ASP C 75 -7.14 17.49 -20.06
CA ASP C 75 -5.81 18.08 -20.26
C ASP C 75 -5.34 18.76 -18.98
N ASP C 76 -6.24 18.89 -18.02
CA ASP C 76 -5.90 19.52 -16.75
C ASP C 76 -6.86 19.08 -15.65
N ILE C 77 -6.72 17.83 -15.24
CA ILE C 77 -7.57 17.24 -14.22
C ILE C 77 -7.55 17.99 -12.90
N GLY C 78 -6.35 18.33 -12.42
CA GLY C 78 -6.23 19.04 -11.17
C GLY C 78 -7.03 20.34 -11.11
N GLY C 79 -7.07 21.04 -12.24
CA GLY C 79 -7.80 22.30 -12.30
C GLY C 79 -9.30 22.11 -12.21
N ALA C 80 -9.76 20.94 -12.63
CA ALA C 80 -11.19 20.63 -12.62
C ALA C 80 -11.66 20.10 -11.26
N LEU C 81 -10.72 19.59 -10.48
CA LEU C 81 -11.07 19.02 -9.17
C LEU C 81 -10.31 19.68 -8.03
N SER C 82 -9.55 20.73 -8.35
CA SER C 82 -8.76 21.46 -7.35
C SER C 82 -9.59 21.76 -6.10
N LYS C 83 -10.85 22.11 -6.30
CA LYS C 83 -11.77 22.43 -5.22
C LYS C 83 -11.94 21.33 -4.18
N LEU C 84 -12.19 20.10 -4.65
CA LEU C 84 -12.44 18.95 -3.78
C LEU C 84 -11.29 18.51 -2.85
N SER C 85 -10.08 18.94 -3.14
CA SER C 85 -8.89 18.59 -2.35
C SER C 85 -8.97 18.92 -0.87
N GLU C 86 -9.21 20.19 -0.56
CA GLU C 86 -9.30 20.65 0.82
C GLU C 86 -10.34 19.87 1.61
N LEU C 87 -11.53 19.73 1.03
CA LEU C 87 -12.62 19.00 1.67
C LEU C 87 -12.19 17.61 2.16
N HIS C 88 -11.69 16.79 1.24
CA HIS C 88 -11.29 15.43 1.56
C HIS C 88 -10.05 15.29 2.43
N ALA C 89 -9.05 16.13 2.15
CA ALA C 89 -7.78 16.09 2.88
C ALA C 89 -7.77 16.81 4.24
N TYR C 90 -8.01 18.11 4.24
CA TYR C 90 -7.98 18.89 5.47
C TYR C 90 -9.25 18.83 6.32
N ILE C 91 -10.41 18.73 5.67
CA ILE C 91 -11.67 18.69 6.39
C ILE C 91 -12.10 17.27 6.79
N LEU C 92 -12.26 16.40 5.81
CA LEU C 92 -12.68 15.02 6.05
C LEU C 92 -11.56 14.12 6.53
N ARG C 93 -10.32 14.47 6.19
CA ARG C 93 -9.16 13.68 6.57
C ARG C 93 -9.32 12.21 6.21
N VAL C 94 -9.72 11.98 4.96
CA VAL C 94 -9.92 10.62 4.46
C VAL C 94 -8.61 9.90 4.24
N ASP C 95 -8.49 8.70 4.81
CA ASP C 95 -7.31 7.88 4.66
C ASP C 95 -7.14 7.63 3.16
N PRO C 96 -5.97 7.93 2.59
CA PRO C 96 -5.70 7.73 1.16
C PRO C 96 -6.00 6.34 0.62
N VAL C 97 -5.97 5.33 1.49
CA VAL C 97 -6.22 3.96 1.05
C VAL C 97 -7.65 3.81 0.54
N ASN C 98 -8.54 4.64 1.06
CA ASN C 98 -9.94 4.62 0.67
C ASN C 98 -10.16 5.01 -0.78
N PHE C 99 -9.26 5.82 -1.35
CA PHE C 99 -9.43 6.19 -2.74
C PHE C 99 -9.18 5.00 -3.68
N LYS C 100 -8.26 4.12 -3.31
CA LYS C 100 -8.01 2.92 -4.12
C LYS C 100 -9.26 2.05 -4.05
N LEU C 101 -9.85 1.99 -2.86
CA LEU C 101 -11.03 1.18 -2.64
C LEU C 101 -12.21 1.65 -3.49
N LEU C 102 -12.48 2.95 -3.47
CA LEU C 102 -13.58 3.50 -4.24
C LEU C 102 -13.34 3.33 -5.75
N SER C 103 -12.09 3.56 -6.16
CA SER C 103 -11.73 3.42 -7.57
C SER C 103 -11.95 1.98 -8.02
N HIS C 104 -11.52 1.03 -7.20
CA HIS C 104 -11.68 -0.39 -7.48
C HIS C 104 -13.16 -0.72 -7.64
N CYS C 105 -13.99 -0.21 -6.73
CA CYS C 105 -15.41 -0.46 -6.79
C CYS C 105 -16.06 0.11 -8.06
N LEU C 106 -15.59 1.26 -8.50
CA LEU C 106 -16.12 1.86 -9.71
C LEU C 106 -15.71 1.01 -10.92
N LEU C 107 -14.50 0.46 -10.88
CA LEU C 107 -14.03 -0.40 -11.97
C LEU C 107 -14.90 -1.66 -12.05
N VAL C 108 -15.27 -2.21 -10.90
CA VAL C 108 -16.13 -3.39 -10.87
C VAL C 108 -17.47 -3.02 -11.50
N THR C 109 -18.01 -1.86 -11.14
CA THR C 109 -19.30 -1.41 -11.69
C THR C 109 -19.22 -1.29 -13.21
N LEU C 110 -18.17 -0.66 -13.72
CA LEU C 110 -17.99 -0.49 -15.16
C LEU C 110 -17.84 -1.84 -15.88
N ALA C 111 -17.08 -2.74 -15.29
CA ALA C 111 -16.86 -4.05 -15.87
C ALA C 111 -18.18 -4.82 -15.96
N ALA C 112 -18.98 -4.71 -14.90
CA ALA C 112 -20.28 -5.39 -14.85
C ALA C 112 -21.28 -4.75 -15.82
N ARG C 113 -21.25 -3.42 -15.93
CA ARG C 113 -22.16 -2.66 -16.81
C ARG C 113 -21.82 -2.70 -18.31
N PHE C 114 -20.56 -2.49 -18.64
CA PHE C 114 -20.14 -2.44 -20.04
C PHE C 114 -19.04 -3.43 -20.34
N PRO C 115 -19.36 -4.74 -20.22
CA PRO C 115 -18.37 -5.79 -20.47
C PRO C 115 -17.60 -5.72 -21.79
N ALA C 116 -18.29 -5.35 -22.87
CA ALA C 116 -17.64 -5.28 -24.18
C ALA C 116 -16.61 -4.17 -24.23
N ASP C 117 -16.86 -3.09 -23.51
CA ASP C 117 -15.95 -1.95 -23.46
C ASP C 117 -14.84 -2.13 -22.43
N PHE C 118 -15.08 -2.96 -21.43
CA PHE C 118 -14.09 -3.14 -20.39
C PHE C 118 -13.00 -4.13 -20.77
N THR C 119 -12.18 -3.74 -21.75
CA THR C 119 -11.08 -4.59 -22.20
C THR C 119 -9.92 -4.37 -21.21
N ALA C 120 -8.85 -5.12 -21.36
CA ALA C 120 -7.71 -4.95 -20.46
C ALA C 120 -7.14 -3.55 -20.65
N GLU C 121 -7.12 -3.08 -21.90
CA GLU C 121 -6.61 -1.76 -22.21
C GLU C 121 -7.46 -0.66 -21.58
N ALA C 122 -8.79 -0.79 -21.68
CA ALA C 122 -9.70 0.18 -21.10
C ALA C 122 -9.55 0.18 -19.57
N HIS C 123 -9.34 -1.01 -19.01
CA HIS C 123 -9.14 -1.17 -17.56
C HIS C 123 -7.85 -0.40 -17.17
N ALA C 124 -6.77 -0.62 -17.92
CA ALA C 124 -5.51 0.07 -17.62
C ALA C 124 -5.70 1.59 -17.67
N ALA C 125 -6.41 2.06 -18.68
CA ALA C 125 -6.63 3.50 -18.82
C ALA C 125 -7.46 4.06 -17.67
N TRP C 126 -8.55 3.39 -17.28
CA TRP C 126 -9.35 3.91 -16.17
C TRP C 126 -8.59 3.85 -14.85
N ASP C 127 -7.84 2.78 -14.64
CA ASP C 127 -7.06 2.67 -13.42
C ASP C 127 -6.10 3.87 -13.32
N LYS C 128 -5.40 4.19 -14.39
CA LYS C 128 -4.48 5.32 -14.36
C LYS C 128 -5.25 6.64 -14.16
N PHE C 129 -6.36 6.81 -14.86
CA PHE C 129 -7.18 8.01 -14.76
C PHE C 129 -7.69 8.22 -13.32
N LEU C 130 -8.24 7.17 -12.73
CA LEU C 130 -8.75 7.26 -11.36
C LEU C 130 -7.65 7.50 -10.33
N SER C 131 -6.46 6.98 -10.64
CA SER C 131 -5.31 7.18 -9.76
C SER C 131 -4.91 8.65 -9.81
N VAL C 132 -5.05 9.26 -10.99
CA VAL C 132 -4.72 10.67 -11.14
C VAL C 132 -5.76 11.49 -10.37
N VAL C 133 -7.03 11.13 -10.52
CA VAL C 133 -8.09 11.84 -9.81
C VAL C 133 -7.85 11.73 -8.30
N SER C 134 -7.45 10.54 -7.85
CA SER C 134 -7.21 10.31 -6.44
C SER C 134 -6.04 11.10 -5.86
N SER C 135 -4.95 11.23 -6.62
CA SER C 135 -3.80 11.97 -6.13
C SER C 135 -4.17 13.44 -5.92
N VAL C 136 -4.95 13.99 -6.84
CA VAL C 136 -5.39 15.37 -6.75
C VAL C 136 -6.20 15.59 -5.47
N LEU C 137 -7.11 14.66 -5.18
CA LEU C 137 -7.95 14.77 -3.99
C LEU C 137 -7.19 14.56 -2.69
N THR C 138 -6.03 13.91 -2.77
CA THR C 138 -5.23 13.65 -1.58
C THR C 138 -3.93 14.44 -1.58
N GLU C 139 -3.76 15.28 -2.59
CA GLU C 139 -2.54 16.08 -2.74
C GLU C 139 -2.18 16.96 -1.55
N LYS C 140 -3.17 17.31 -0.72
CA LYS C 140 -2.92 18.13 0.45
C LYS C 140 -2.35 17.28 1.58
N TYR C 141 -1.93 16.08 1.22
CA TYR C 141 -1.35 15.12 2.16
C TYR C 141 0.13 14.94 1.83
N ARG C 142 0.39 14.28 0.70
CA ARG C 142 1.74 14.02 0.26
C ARG C 142 2.45 15.31 -0.14
N VAL D 1 -11.12 -17.00 7.17
CA VAL D 1 -12.29 -16.11 6.88
C VAL D 1 -13.58 -16.77 7.35
N HIS D 2 -14.63 -15.97 7.55
CA HIS D 2 -15.90 -16.50 8.01
C HIS D 2 -17.07 -15.89 7.24
N LEU D 3 -17.77 -16.74 6.49
CA LEU D 3 -18.91 -16.31 5.68
C LEU D 3 -20.19 -17.03 6.06
N THR D 4 -21.29 -16.28 6.15
CA THR D 4 -22.58 -16.87 6.50
C THR D 4 -22.93 -17.95 5.48
N ASP D 5 -23.85 -18.83 5.83
CA ASP D 5 -24.26 -19.89 4.92
C ASP D 5 -24.93 -19.24 3.71
N ALA D 6 -25.22 -17.95 3.84
CA ALA D 6 -25.84 -17.18 2.78
C ALA D 6 -24.75 -16.79 1.79
N GLU D 7 -23.71 -16.11 2.28
CA GLU D 7 -22.60 -15.71 1.44
C GLU D 7 -21.99 -16.95 0.79
N LYS D 8 -21.82 -18.01 1.58
CA LYS D 8 -21.24 -19.25 1.07
C LYS D 8 -22.08 -19.86 -0.04
N ALA D 9 -23.40 -19.71 0.06
CA ALA D 9 -24.27 -20.25 -0.99
C ALA D 9 -24.17 -19.34 -2.22
N ALA D 10 -24.01 -18.05 -1.99
CA ALA D 10 -23.89 -17.08 -3.06
C ALA D 10 -22.59 -17.28 -3.82
N VAL D 11 -21.48 -17.35 -3.08
CA VAL D 11 -20.16 -17.57 -3.66
C VAL D 11 -20.21 -18.86 -4.47
N SER D 12 -20.80 -19.87 -3.86
CA SER D 12 -20.95 -21.18 -4.48
C SER D 12 -21.77 -21.13 -5.78
N GLY D 13 -22.93 -20.49 -5.72
CA GLY D 13 -23.78 -20.40 -6.91
C GLY D 13 -23.18 -19.57 -8.02
N LEU D 14 -22.64 -18.41 -7.68
CA LEU D 14 -22.05 -17.53 -8.69
C LEU D 14 -20.79 -18.14 -9.30
N TRP D 15 -19.97 -18.78 -8.48
CA TRP D 15 -18.75 -19.40 -8.97
C TRP D 15 -19.10 -20.44 -10.03
N GLY D 16 -20.20 -21.16 -9.81
CA GLY D 16 -20.62 -22.17 -10.76
C GLY D 16 -21.08 -21.57 -12.08
N LYS D 17 -21.26 -20.26 -12.11
CA LYS D 17 -21.73 -19.58 -13.31
C LYS D 17 -20.63 -19.00 -14.19
N VAL D 18 -19.37 -19.28 -13.86
CA VAL D 18 -18.28 -18.75 -14.68
C VAL D 18 -17.31 -19.84 -15.09
N ASN D 19 -16.55 -19.56 -16.13
CA ASN D 19 -15.54 -20.47 -16.60
C ASN D 19 -14.33 -20.10 -15.72
N ALA D 20 -14.08 -20.89 -14.69
CA ALA D 20 -12.97 -20.63 -13.77
C ALA D 20 -11.66 -20.40 -14.51
N ASP D 21 -11.35 -21.26 -15.47
CA ASP D 21 -10.10 -21.11 -16.21
C ASP D 21 -9.94 -19.74 -16.86
N GLU D 22 -11.01 -19.24 -17.49
CA GLU D 22 -10.94 -17.93 -18.14
C GLU D 22 -10.79 -16.84 -17.10
N VAL D 23 -11.48 -16.98 -15.97
CA VAL D 23 -11.38 -15.98 -14.92
C VAL D 23 -9.92 -15.87 -14.45
N GLY D 24 -9.26 -17.00 -14.27
CA GLY D 24 -7.88 -16.98 -13.82
C GLY D 24 -6.94 -16.39 -14.86
N GLY D 25 -7.15 -16.79 -16.11
CA GLY D 25 -6.31 -16.30 -17.20
C GLY D 25 -6.46 -14.82 -17.44
N GLU D 26 -7.70 -14.33 -17.38
CA GLU D 26 -7.96 -12.91 -17.59
C GLU D 26 -7.51 -12.06 -16.39
N ALA D 27 -7.63 -12.60 -15.18
CA ALA D 27 -7.21 -11.86 -13.98
C ALA D 27 -5.69 -11.68 -14.00
N LEU D 28 -4.98 -12.75 -14.33
CA LEU D 28 -3.51 -12.71 -14.39
C LEU D 28 -3.12 -11.75 -15.50
N GLY D 29 -3.80 -11.87 -16.63
CA GLY D 29 -3.54 -11.01 -17.77
C GLY D 29 -3.70 -9.55 -17.40
N ARG D 30 -4.81 -9.20 -16.76
CA ARG D 30 -5.02 -7.81 -16.34
C ARG D 30 -3.95 -7.36 -15.35
N LEU D 31 -3.51 -8.26 -14.47
CA LEU D 31 -2.47 -7.90 -13.49
C LEU D 31 -1.23 -7.43 -14.24
N LEU D 32 -0.80 -8.24 -15.21
CA LEU D 32 0.38 -7.93 -16.01
C LEU D 32 0.26 -6.65 -16.80
N VAL D 33 -0.95 -6.33 -17.24
CA VAL D 33 -1.20 -5.13 -18.03
C VAL D 33 -1.27 -3.87 -17.18
N VAL D 34 -2.03 -3.93 -16.10
CA VAL D 34 -2.25 -2.78 -15.23
C VAL D 34 -1.08 -2.45 -14.28
N TYR D 35 -0.33 -3.47 -13.87
CA TYR D 35 0.81 -3.27 -12.95
C TYR D 35 1.96 -3.94 -13.69
N PRO D 36 2.47 -3.30 -14.75
CA PRO D 36 3.56 -3.86 -15.55
C PRO D 36 4.80 -4.43 -14.87
N TRP D 37 5.13 -3.95 -13.66
CA TRP D 37 6.31 -4.47 -12.97
C TRP D 37 6.13 -5.95 -12.61
N THR D 38 4.88 -6.41 -12.57
CA THR D 38 4.62 -7.81 -12.23
C THR D 38 5.11 -8.75 -13.33
N GLN D 39 5.35 -8.18 -14.51
CA GLN D 39 5.85 -8.96 -15.65
C GLN D 39 7.25 -9.53 -15.36
N ARG D 40 8.00 -8.86 -14.50
CA ARG D 40 9.35 -9.29 -14.15
C ARG D 40 9.39 -10.74 -13.67
N TYR D 41 8.29 -11.23 -13.09
CA TYR D 41 8.23 -12.60 -12.60
C TYR D 41 7.86 -13.63 -13.66
N PHE D 42 7.50 -13.16 -14.86
CA PHE D 42 7.09 -14.08 -15.90
C PHE D 42 7.86 -13.95 -17.22
N ASP D 43 9.16 -13.72 -17.14
CA ASP D 43 9.98 -13.58 -18.34
C ASP D 43 9.91 -14.79 -19.27
N SER D 44 9.72 -15.97 -18.68
CA SER D 44 9.65 -17.20 -19.47
C SER D 44 8.34 -17.38 -20.22
N PHE D 45 7.41 -16.45 -20.04
CA PHE D 45 6.11 -16.56 -20.69
C PHE D 45 6.06 -16.04 -22.13
N GLY D 46 7.14 -15.42 -22.57
CA GLY D 46 7.18 -14.93 -23.94
C GLY D 46 6.79 -13.48 -24.18
N ASP D 47 6.04 -13.27 -25.25
CA ASP D 47 5.61 -11.93 -25.64
C ASP D 47 4.56 -11.32 -24.72
N LEU D 48 4.96 -10.29 -23.97
CA LEU D 48 4.08 -9.57 -23.05
C LEU D 48 4.24 -8.09 -23.36
N SER D 49 4.58 -7.79 -24.61
CA SER D 49 4.83 -6.41 -25.05
C SER D 49 3.64 -5.48 -25.09
N SER D 50 2.43 -6.01 -25.20
CA SER D 50 1.24 -5.15 -25.25
C SER D 50 0.04 -5.82 -24.57
N ALA D 51 -0.97 -5.03 -24.21
CA ALA D 51 -2.15 -5.57 -23.55
C ALA D 51 -2.74 -6.71 -24.40
N SER D 52 -2.70 -6.52 -25.71
CA SER D 52 -3.20 -7.52 -26.64
C SER D 52 -2.38 -8.79 -26.57
N ALA D 53 -1.06 -8.65 -26.62
CA ALA D 53 -0.17 -9.80 -26.57
C ALA D 53 -0.33 -10.54 -25.24
N ILE D 54 -0.47 -9.78 -24.16
CA ILE D 54 -0.63 -10.38 -22.84
C ILE D 54 -1.92 -11.20 -22.73
N MET D 55 -3.06 -10.59 -23.06
CA MET D 55 -4.34 -11.25 -22.94
C MET D 55 -4.50 -12.47 -23.86
N GLY D 56 -3.73 -12.52 -24.93
CA GLY D 56 -3.82 -13.65 -25.84
C GLY D 56 -2.66 -14.62 -25.67
N ASN D 57 -1.80 -14.36 -24.69
CA ASN D 57 -0.64 -15.21 -24.44
C ASN D 57 -1.04 -16.56 -23.86
N ALA D 58 -0.66 -17.63 -24.54
CA ALA D 58 -0.98 -18.99 -24.11
C ALA D 58 -0.43 -19.36 -22.74
N LYS D 59 0.83 -19.03 -22.47
CA LYS D 59 1.41 -19.36 -21.17
C LYS D 59 0.67 -18.60 -20.07
N VAL D 60 0.36 -17.33 -20.32
CA VAL D 60 -0.37 -16.53 -19.33
C VAL D 60 -1.68 -17.26 -19.02
N LYS D 61 -2.37 -17.69 -20.08
CA LYS D 61 -3.64 -18.40 -19.89
C LYS D 61 -3.42 -19.72 -19.16
N ALA D 62 -2.41 -20.47 -19.58
CA ALA D 62 -2.12 -21.75 -18.95
C ALA D 62 -1.82 -21.55 -17.47
N HIS D 63 -1.02 -20.54 -17.15
CA HIS D 63 -0.69 -20.28 -15.76
C HIS D 63 -1.91 -19.83 -14.94
N GLY D 64 -2.78 -19.04 -15.56
CA GLY D 64 -3.97 -18.56 -14.86
C GLY D 64 -4.81 -19.74 -14.40
N LYS D 65 -4.78 -20.83 -15.17
CA LYS D 65 -5.54 -22.01 -14.80
C LYS D 65 -5.02 -22.57 -13.46
N LYS D 66 -3.69 -22.60 -13.31
CA LYS D 66 -3.09 -23.10 -12.08
C LYS D 66 -3.46 -22.20 -10.91
N VAL D 67 -3.41 -20.89 -11.14
CA VAL D 67 -3.75 -19.93 -10.10
C VAL D 67 -5.17 -20.14 -9.65
N ILE D 68 -6.09 -20.22 -10.60
CA ILE D 68 -7.50 -20.38 -10.26
C ILE D 68 -7.80 -21.75 -9.63
N THR D 69 -7.01 -22.77 -9.96
CA THR D 69 -7.24 -24.09 -9.35
C THR D 69 -6.97 -24.00 -7.86
N ALA D 70 -5.88 -23.33 -7.50
CA ALA D 70 -5.54 -23.15 -6.09
C ALA D 70 -6.63 -22.27 -5.48
N PHE D 71 -7.06 -21.26 -6.22
CA PHE D 71 -8.11 -20.38 -5.73
C PHE D 71 -9.34 -21.23 -5.45
N ASN D 72 -9.66 -22.14 -6.36
CA ASN D 72 -10.81 -23.02 -6.18
C ASN D 72 -10.64 -23.89 -4.92
N ASP D 73 -9.42 -24.30 -4.62
CA ASP D 73 -9.18 -25.09 -3.41
C ASP D 73 -9.64 -24.28 -2.22
N GLY D 74 -9.25 -23.01 -2.20
CA GLY D 74 -9.63 -22.13 -1.11
C GLY D 74 -11.13 -22.00 -0.95
N LEU D 75 -11.84 -21.93 -2.06
CA LEU D 75 -13.29 -21.80 -2.02
C LEU D 75 -13.89 -23.00 -1.32
N ASN D 76 -13.19 -24.13 -1.42
CA ASN D 76 -13.63 -25.38 -0.81
C ASN D 76 -13.10 -25.58 0.63
N HIS D 77 -12.38 -24.59 1.15
CA HIS D 77 -11.82 -24.72 2.49
C HIS D 77 -11.72 -23.36 3.19
N LEU D 78 -12.80 -22.58 3.12
CA LEU D 78 -12.82 -21.25 3.72
C LEU D 78 -12.57 -21.21 5.22
N ASP D 79 -12.67 -22.36 5.86
CA ASP D 79 -12.47 -22.46 7.30
C ASP D 79 -11.00 -22.71 7.63
N SER D 80 -10.21 -23.01 6.59
CA SER D 80 -8.79 -23.28 6.76
C SER D 80 -7.92 -22.87 5.58
N LEU D 81 -7.83 -21.56 5.33
CA LEU D 81 -7.02 -21.04 4.22
C LEU D 81 -5.55 -21.07 4.61
N LYS D 82 -5.25 -20.65 5.83
CA LYS D 82 -3.88 -20.63 6.32
C LYS D 82 -3.19 -21.94 5.94
N GLY D 83 -3.84 -23.05 6.28
CA GLY D 83 -3.29 -24.36 5.97
C GLY D 83 -3.27 -24.71 4.50
N THR D 84 -4.37 -24.42 3.80
CA THR D 84 -4.48 -24.74 2.38
C THR D 84 -3.38 -24.10 1.51
N PHE D 85 -3.01 -22.88 1.83
CA PHE D 85 -2.01 -22.15 1.05
C PHE D 85 -0.60 -22.12 1.65
N ALA D 86 -0.40 -22.79 2.78
CA ALA D 86 0.91 -22.80 3.45
C ALA D 86 2.05 -23.12 2.48
N SER D 87 1.84 -24.12 1.64
CA SER D 87 2.86 -24.51 0.67
C SER D 87 3.07 -23.44 -0.40
N LEU D 88 1.98 -22.86 -0.89
CA LEU D 88 2.08 -21.82 -1.92
C LEU D 88 2.66 -20.56 -1.28
N SER D 89 2.38 -20.36 0.00
CA SER D 89 2.90 -19.21 0.72
C SER D 89 4.43 -19.28 0.74
N GLU D 90 4.96 -20.48 0.97
CA GLU D 90 6.40 -20.71 1.03
C GLU D 90 7.05 -20.51 -0.33
N LEU D 91 6.39 -21.03 -1.36
CA LEU D 91 6.89 -20.91 -2.72
C LEU D 91 7.04 -19.44 -3.13
N HIS D 92 5.97 -18.68 -2.96
CA HIS D 92 5.98 -17.27 -3.34
C HIS D 92 6.90 -16.35 -2.54
N CYS D 93 7.17 -16.71 -1.29
CA CYS D 93 8.03 -15.90 -0.44
C CYS D 93 9.48 -16.35 -0.55
N ASP D 94 9.75 -17.56 -0.05
CA ASP D 94 11.09 -18.12 -0.04
C ASP D 94 11.71 -18.37 -1.41
N LYS D 95 10.92 -18.84 -2.37
CA LYS D 95 11.45 -19.14 -3.70
C LYS D 95 11.28 -18.08 -4.79
N LEU D 96 10.13 -17.41 -4.80
CA LEU D 96 9.85 -16.41 -5.82
C LEU D 96 10.10 -14.97 -5.41
N HIS D 97 10.12 -14.73 -4.11
CA HIS D 97 10.35 -13.39 -3.59
C HIS D 97 9.35 -12.38 -4.18
N VAL D 98 8.06 -12.68 -4.00
CA VAL D 98 7.00 -11.83 -4.49
C VAL D 98 6.50 -11.02 -3.30
N ASP D 99 6.51 -9.70 -3.42
CA ASP D 99 6.02 -8.89 -2.32
C ASP D 99 4.55 -9.21 -2.18
N PRO D 100 4.09 -9.49 -0.96
CA PRO D 100 2.69 -9.84 -0.70
C PRO D 100 1.64 -8.81 -1.15
N GLU D 101 2.03 -7.56 -1.32
CA GLU D 101 1.08 -6.54 -1.77
C GLU D 101 0.47 -6.97 -3.11
N ASN D 102 1.27 -7.68 -3.90
CA ASN D 102 0.82 -8.12 -5.20
C ASN D 102 -0.27 -9.19 -5.11
N PHE D 103 -0.34 -9.88 -3.98
CA PHE D 103 -1.37 -10.91 -3.79
C PHE D 103 -2.70 -10.19 -3.71
N ARG D 104 -2.70 -9.00 -3.11
CA ARG D 104 -3.90 -8.21 -2.97
C ARG D 104 -4.35 -7.68 -4.33
N LEU D 105 -3.38 -7.28 -5.14
CA LEU D 105 -3.65 -6.78 -6.48
C LEU D 105 -4.27 -7.87 -7.35
N LEU D 106 -3.71 -9.08 -7.33
CA LEU D 106 -4.27 -10.15 -8.15
C LEU D 106 -5.67 -10.47 -7.61
N GLY D 107 -5.83 -10.38 -6.29
CA GLY D 107 -7.13 -10.62 -5.69
C GLY D 107 -8.14 -9.63 -6.24
N ASN D 108 -7.73 -8.37 -6.40
CA ASN D 108 -8.59 -7.34 -6.96
C ASN D 108 -8.90 -7.61 -8.43
N MET D 109 -7.94 -8.15 -9.17
CA MET D 109 -8.15 -8.47 -10.58
C MET D 109 -9.23 -9.55 -10.71
N ILE D 110 -9.19 -10.56 -9.83
CA ILE D 110 -10.17 -11.64 -9.85
C ILE D 110 -11.58 -11.09 -9.57
N VAL D 111 -11.69 -10.24 -8.55
CA VAL D 111 -12.98 -9.65 -8.20
C VAL D 111 -13.54 -8.86 -9.38
N ILE D 112 -12.67 -8.11 -10.06
CA ILE D 112 -13.09 -7.32 -11.22
C ILE D 112 -13.53 -8.21 -12.37
N VAL D 113 -12.78 -9.29 -12.62
CA VAL D 113 -13.12 -10.22 -13.69
C VAL D 113 -14.42 -10.95 -13.37
N LEU D 114 -14.65 -11.24 -12.09
CA LEU D 114 -15.90 -11.90 -11.72
C LEU D 114 -17.05 -10.96 -12.11
N GLY D 115 -16.87 -9.68 -11.85
CA GLY D 115 -17.88 -8.70 -12.20
C GLY D 115 -18.05 -8.66 -13.71
N HIS D 116 -16.92 -8.68 -14.42
CA HIS D 116 -16.91 -8.64 -15.87
C HIS D 116 -17.70 -9.83 -16.46
N HIS D 117 -17.55 -11.01 -15.86
CA HIS D 117 -18.24 -12.19 -16.35
C HIS D 117 -19.70 -12.35 -15.90
N LEU D 118 -19.99 -11.95 -14.67
CA LEU D 118 -21.33 -12.12 -14.10
C LEU D 118 -22.34 -11.00 -14.28
N GLY D 119 -21.87 -9.81 -14.64
CA GLY D 119 -22.78 -8.70 -14.83
C GLY D 119 -23.70 -8.45 -13.65
N LYS D 120 -25.00 -8.30 -13.93
CA LYS D 120 -25.99 -8.04 -12.88
C LYS D 120 -25.94 -9.04 -11.74
N ASP D 121 -25.49 -10.27 -12.00
CA ASP D 121 -25.41 -11.27 -10.95
C ASP D 121 -24.38 -10.92 -9.86
N PHE D 122 -23.35 -10.16 -10.23
CA PHE D 122 -22.31 -9.77 -9.28
C PHE D 122 -22.74 -8.54 -8.47
N THR D 123 -23.77 -8.74 -7.67
CA THR D 123 -24.33 -7.66 -6.86
C THR D 123 -23.37 -7.15 -5.82
N PRO D 124 -23.64 -5.95 -5.27
CA PRO D 124 -22.77 -5.38 -4.24
C PRO D 124 -22.55 -6.36 -3.09
N ALA D 125 -23.59 -7.14 -2.77
CA ALA D 125 -23.48 -8.11 -1.69
C ALA D 125 -22.62 -9.31 -2.12
N ALA D 126 -22.78 -9.73 -3.36
CA ALA D 126 -21.99 -10.86 -3.87
C ALA D 126 -20.51 -10.48 -3.86
N GLN D 127 -20.21 -9.24 -4.23
CA GLN D 127 -18.82 -8.77 -4.27
C GLN D 127 -18.24 -8.78 -2.86
N ALA D 128 -19.03 -8.34 -1.90
CA ALA D 128 -18.60 -8.31 -0.51
C ALA D 128 -18.16 -9.70 -0.05
N ALA D 129 -18.96 -10.71 -0.39
CA ALA D 129 -18.64 -12.09 -0.03
C ALA D 129 -17.32 -12.54 -0.66
N PHE D 130 -17.21 -12.41 -1.98
CA PHE D 130 -15.98 -12.78 -2.68
C PHE D 130 -14.80 -11.98 -2.17
N GLN D 131 -15.07 -10.75 -1.74
CA GLN D 131 -14.02 -9.89 -1.21
C GLN D 131 -13.38 -10.51 0.03
N LYS D 132 -14.21 -11.07 0.90
CA LYS D 132 -13.69 -11.70 2.11
C LYS D 132 -12.83 -12.90 1.71
N VAL D 133 -13.28 -13.63 0.69
CA VAL D 133 -12.55 -14.79 0.20
C VAL D 133 -11.18 -14.38 -0.32
N VAL D 134 -11.16 -13.44 -1.27
CA VAL D 134 -9.92 -12.97 -1.86
C VAL D 134 -8.96 -12.33 -0.83
N ALA D 135 -9.52 -11.65 0.15
CA ALA D 135 -8.68 -11.05 1.18
C ALA D 135 -8.07 -12.20 1.98
N GLY D 136 -8.89 -13.23 2.22
CA GLY D 136 -8.43 -14.39 2.96
C GLY D 136 -7.31 -15.12 2.23
N VAL D 137 -7.46 -15.31 0.93
CA VAL D 137 -6.43 -15.97 0.15
C VAL D 137 -5.12 -15.16 0.20
N ALA D 138 -5.22 -13.86 -0.02
CA ALA D 138 -4.03 -13.00 0.00
C ALA D 138 -3.30 -13.08 1.34
N ALA D 139 -4.05 -13.03 2.43
CA ALA D 139 -3.48 -13.08 3.76
C ALA D 139 -2.84 -14.45 4.01
N ALA D 140 -3.51 -15.51 3.55
CA ALA D 140 -3.00 -16.86 3.74
C ALA D 140 -1.66 -16.99 3.02
N LEU D 141 -1.56 -16.38 1.85
CA LEU D 141 -0.32 -16.43 1.06
C LEU D 141 0.79 -15.57 1.65
N ALA D 142 0.41 -14.54 2.40
CA ALA D 142 1.39 -13.64 3.00
C ALA D 142 1.82 -14.11 4.38
N HIS D 143 1.02 -14.99 4.97
CA HIS D 143 1.31 -15.52 6.29
C HIS D 143 2.68 -16.18 6.29
N LYS D 144 3.57 -15.67 7.14
CA LYS D 144 4.94 -16.19 7.22
C LYS D 144 4.99 -17.62 7.76
N TYR D 145 5.78 -18.45 7.08
CA TYR D 145 5.94 -19.86 7.45
C TYR D 145 4.74 -20.69 6.99
N HIS D 146 4.03 -21.28 7.94
CA HIS D 146 2.84 -22.08 7.58
C HIS D 146 1.71 -21.19 7.15
CHA HEM E . 20.91 1.25 -9.85
CHB HEM E . 19.45 5.18 -7.52
CHC HEM E . 16.01 2.56 -5.39
CHD HEM E . 17.63 -1.43 -7.60
C1A HEM E . 20.81 2.57 -9.42
C2A HEM E . 21.69 3.66 -9.83
C3A HEM E . 21.30 4.78 -9.17
C4A HEM E . 20.16 4.36 -8.35
CMA HEM E . 21.94 6.19 -9.26
CAA HEM E . 22.87 3.57 -10.83
CBA HEM E . 22.58 4.08 -12.24
CGA HEM E . 23.71 3.91 -13.23
O1A HEM E . 24.88 3.61 -12.82
O2A HEM E . 23.45 4.08 -14.44
C1B HEM E . 18.35 4.81 -6.74
C2B HEM E . 17.65 5.72 -5.92
C3B HEM E . 16.67 4.98 -5.31
C4B HEM E . 16.81 3.62 -5.78
CMB HEM E . 18.00 7.25 -5.83
CAB HEM E . 15.57 5.41 -4.29
CBB HEM E . 15.68 6.58 -3.33
C1C HEM E . 16.15 1.24 -5.81
C2C HEM E . 15.32 0.15 -5.32
C3C HEM E . 15.82 -0.97 -5.93
C4C HEM E . 16.90 -0.55 -6.80
CMC HEM E . 14.15 0.25 -4.29
CAC HEM E . 15.35 -2.41 -5.78
CBC HEM E . 15.48 -3.17 -4.49
C1D HEM E . 18.67 -1.08 -8.44
C2D HEM E . 19.42 -2.02 -9.26
C3D HEM E . 20.34 -1.25 -9.92
C4D HEM E . 20.15 0.14 -9.46
CMD HEM E . 19.23 -3.54 -9.37
CAD HEM E . 21.42 -1.77 -10.92
CBD HEM E . 22.84 -1.60 -10.33
CGD HEM E . 23.96 -2.39 -11.01
O1D HEM E . 25.10 -2.20 -10.55
O2D HEM E . 23.77 -3.15 -11.97
NA HEM E . 19.87 3.00 -8.50
NB HEM E . 17.84 3.51 -6.68
NC HEM E . 17.12 0.82 -6.72
ND HEM E . 19.12 0.25 -8.56
FE HEM E . 18.49 1.92 -7.66
C CMO F . 19.42 1.42 -6.21
O CMO F . 19.53 0.97 -5.20
CHA HEM G . -6.33 2.09 21.40
CHB HEM G . -2.52 -0.79 20.79
CHC HEM G . -2.01 0.92 16.28
CHD HEM G . -5.85 3.83 16.89
C1A HEM G . -5.33 1.16 21.66
C2A HEM G . -5.13 0.42 22.93
C3A HEM G . -4.05 -0.40 22.75
C4A HEM G . -3.59 -0.15 21.39
CMA HEM G . -3.42 -1.37 23.79
CAA HEM G . -5.98 0.53 24.22
CBA HEM G . -7.26 -0.32 24.24
CGA HEM G . -7.41 -1.13 25.52
O1A HEM G . -8.09 -0.63 26.45
O2A HEM G . -6.88 -2.24 25.59
C1B HEM G . -2.05 -0.59 19.47
C2B HEM G . -0.93 -1.29 18.93
C3B HEM G . -0.79 -0.81 17.66
C4B HEM G . -1.83 0.19 17.46
CMB HEM G . -0.09 -2.38 19.65
CAB HEM G . 0.26 -1.20 16.59
CBB HEM G . 1.77 -1.13 16.85
C1C HEM G . -3.00 1.87 16.06
C2C HEM G . -3.15 2.61 14.80
C3C HEM G . -4.23 3.42 14.97
C4C HEM G . -4.74 3.19 16.34
CMC HEM G . -2.25 2.48 13.54
CAC HEM G . -4.82 4.39 13.97
CBC HEM G . -4.23 5.76 13.71
C1D HEM G . -6.35 3.63 18.17
C2D HEM G . -7.51 4.31 18.73
C3D HEM G . -7.63 3.82 20.02
C4D HEM G . -6.56 2.83 20.21
CMD HEM G . -8.41 5.37 18.05
CAD HEM G . -8.68 4.17 21.10
CBD HEM G . -8.20 5.46 21.78
CGD HEM G . -9.18 6.18 22.71
O1D HEM G . -8.77 7.22 23.23
O2D HEM G . -10.34 5.75 22.92
NA HEM G . -4.37 0.80 20.72
NB HEM G . -2.62 0.32 18.59
NC HEM G . -3.97 2.22 17.01
ND HEM G . -5.76 2.71 19.08
FE HEM G . -4.18 1.50 18.88
C CMO H . -3.22 2.86 19.24
O CMO H . -2.38 3.32 19.87
CHA HEM I . -17.99 14.60 -0.77
CHB HEM I . -16.01 13.50 -4.99
CHC HEM I . -13.62 9.93 -2.81
CHD HEM I . -15.79 10.91 1.40
C1A HEM I . -17.66 14.65 -2.11
C2A HEM I . -18.20 15.60 -3.09
C3A HEM I . -17.65 15.27 -4.30
C4A HEM I . -16.77 14.15 -4.04
CMA HEM I . -17.92 15.96 -5.67
CAA HEM I . -19.23 16.74 -2.84
CBA HEM I . -18.58 18.10 -2.53
CGA HEM I . -19.57 19.16 -2.11
O1A HEM I . -20.58 18.82 -1.44
O2A HEM I . -19.34 20.33 -2.48
C1B HEM I . -15.15 12.41 -4.75
C2B HEM I . -14.37 11.79 -5.79
C3B HEM I . -13.68 10.79 -5.17
C4B HEM I . -14.09 10.82 -3.77
CMB HEM I . -14.36 12.24 -7.28
CAB HEM I . -12.65 9.76 -5.73
CBB HEM I . -12.57 9.28 -7.18
C1C HEM I . -14.00 9.89 -1.47
C2C HEM I . -13.51 8.89 -0.55
C3C HEM I . -14.14 9.14 0.63
C4C HEM I . -14.99 10.32 0.42
CMC HEM I . -12.50 7.74 -0.90
CAC HEM I . -14.01 8.38 1.95
CBC HEM I . -14.35 6.91 2.08
C1D HEM I . -16.59 12.02 1.23
C2D HEM I . -17.44 12.62 2.26
C3D HEM I . -18.05 13.67 1.65
C4D HEM I . -17.60 13.69 0.24
CMD HEM I . -17.60 12.15 3.72
CAD HEM I . -19.07 14.64 2.33
CBD HEM I . -20.41 14.72 1.58
CGD HEM I . -21.66 15.13 2.36
O1D HEM I . -22.71 15.22 1.69
O2D HEM I . -21.62 15.36 3.59
NA HEM I . -16.78 13.77 -2.69
NB HEM I . -14.98 11.81 -3.52
NC HEM I . -14.91 10.79 -0.89
ND HEM I . -16.71 12.68 -0.02
FE HEM I . -15.84 12.31 -1.79
C CMO J . -17.17 11.08 -1.97
O CMO J . -17.63 10.06 -2.09
CHA HEM K . 3.25 -19.96 -9.40
CHB HEM K . -0.98 -19.51 -7.12
CHC HEM K . -0.15 -14.72 -6.88
CHD HEM K . 4.04 -15.20 -9.22
C1A HEM K . 2.03 -20.26 -8.82
C2A HEM K . 1.43 -21.60 -8.76
C3A HEM K . 0.24 -21.47 -8.12
C4A HEM K . 0.10 -20.06 -7.80
CMA HEM K . -0.79 -22.59 -7.81
CAA HEM K . 2.05 -22.89 -9.32
CBA HEM K . 2.92 -23.69 -8.36
CGA HEM K . 3.37 -25.00 -8.97
O1A HEM K . 4.61 -25.21 -9.08
O2A HEM K . 2.53 -25.83 -9.35
C1B HEM K . -1.11 -18.12 -6.82
C2B HEM K . -2.23 -17.58 -6.15
C3B HEM K . -2.01 -16.23 -6.09
C4B HEM K . -0.73 -15.97 -6.73
CMB HEM K . -3.46 -18.39 -5.60
CAB HEM K . -2.89 -15.10 -5.48
CBB HEM K . -4.40 -15.00 -5.73
C1C HEM K . 1.06 -14.43 -7.49
C2C HEM K . 1.59 -13.08 -7.64
C3C HEM K . 2.79 -13.22 -8.32
C4C HEM K . 2.95 -14.65 -8.55
CMC HEM K . 0.92 -11.77 -7.15
CAC HEM K . 3.78 -12.15 -8.76
CBC HEM K . 3.44 -10.90 -9.57
C1D HEM K . 4.22 -16.54 -9.48
C2D HEM K . 5.35 -17.09 -10.19
C3D HEM K . 5.10 -18.44 -10.22
C4D HEM K . 3.84 -18.69 -9.54
CMD HEM K . 6.55 -16.34 -10.79
CAD HEM K . 5.95 -19.55 -10.86
CBD HEM K . 5.56 -19.67 -12.35
CGD HEM K . 6.64 -20.31 -13.21
O1D HEM K . 6.42 -20.47 -14.43
O2D HEM K . 7.72 -20.67 -12.73
NA HEM K . 1.21 -19.32 -8.24
NB HEM K . -0.16 -17.14 -7.18
NC HEM K . 1.89 -15.39 -8.05
ND HEM K . 3.28 -17.53 -9.08
FE HEM K . 1.57 -17.38 -8.10
C CMO L . 0.70 -16.99 -9.72
O CMO L . 0.69 -16.69 -10.80
#